data_6AJY
#
_entry.id   6AJY
#
_cell.length_a   33.750
_cell.length_b   47.085
_cell.length_c   78.014
_cell.angle_alpha   90.00
_cell.angle_beta   90.00
_cell.angle_gamma   90.00
#
_symmetry.space_group_name_H-M   'P 21 21 21'
#
loop_
_entity.id
_entity.type
_entity.pdbx_description
1 polymer 'Bromodomain-containing protein 4'
2 non-polymer "2',4'-dihydroxy-2-methoxychalcone"
3 non-polymer 'SODIUM ION'
4 water water
#
_entity_poly.entity_id   1
_entity_poly.type   'polypeptide(L)'
_entity_poly.pdbx_seq_one_letter_code
;MHHHHHHMSTNPPPPETSNPNKPKRQTNQLQYLLRVVLKTLWKHQFAWPFQQPVDAVKLNLPDYYKIIKTPMDMGTIKKR
LENNYYWNAQECIQDFNTMFTNCYIYNKPGDDIVLMAEALEKLFLQKINELPTEE
;
_entity_poly.pdbx_strand_id   A
#
# COMPACT_ATOMS: atom_id res chain seq x y z
N MET A 1 -35.78 14.52 -16.09
CA MET A 1 -34.96 14.42 -14.90
C MET A 1 -34.22 13.09 -14.84
N HIS A 2 -32.88 13.14 -14.87
CA HIS A 2 -32.09 11.93 -14.73
C HIS A 2 -31.97 11.47 -13.28
N HIS A 3 -32.20 12.37 -12.32
CA HIS A 3 -32.08 12.09 -10.89
C HIS A 3 -30.69 11.59 -10.51
N HIS A 4 -29.69 11.94 -11.31
CA HIS A 4 -28.29 11.57 -11.08
C HIS A 4 -28.10 10.06 -10.98
N HIS A 5 -28.99 9.30 -11.62
CA HIS A 5 -28.89 7.84 -11.61
C HIS A 5 -27.65 7.35 -12.34
N HIS A 6 -27.08 8.17 -13.23
CA HIS A 6 -25.88 7.83 -13.98
C HIS A 6 -24.59 8.25 -13.30
N HIS A 7 -24.65 8.99 -12.19
CA HIS A 7 -23.43 9.34 -11.48
C HIS A 7 -23.21 8.22 -10.47
N MET A 8 -22.22 7.39 -10.74
CA MET A 8 -22.00 6.19 -9.97
C MET A 8 -20.59 6.26 -9.39
N SER A 9 -20.42 5.62 -8.24
CA SER A 9 -19.11 5.61 -7.61
C SER A 9 -18.11 4.90 -8.52
N THR A 10 -16.91 5.49 -8.62
CA THR A 10 -15.80 4.87 -9.33
C THR A 10 -14.57 4.97 -8.44
N ASN A 11 -13.58 4.14 -8.74
CA ASN A 11 -12.29 4.24 -8.07
C ASN A 11 -11.41 5.22 -8.82
N PRO A 12 -10.49 5.90 -8.13
CA PRO A 12 -9.51 6.73 -8.83
C PRO A 12 -8.51 5.85 -9.56
N PRO A 13 -7.74 6.41 -10.48
CA PRO A 13 -6.64 5.66 -11.06
C PRO A 13 -5.69 5.21 -9.97
N PRO A 14 -5.10 4.02 -10.11
CA PRO A 14 -4.15 3.52 -9.10
C PRO A 14 -2.88 4.35 -9.12
N PRO A 15 -2.08 4.33 -8.04
CA PRO A 15 -0.82 5.07 -8.05
C PRO A 15 0.09 4.57 -9.16
N GLU A 16 0.99 5.45 -9.62
CA GLU A 16 1.88 5.07 -10.71
C GLU A 16 2.91 4.06 -10.22
N THR A 17 3.13 3.02 -11.02
CA THR A 17 4.21 2.06 -10.78
C THR A 17 5.43 2.24 -11.68
N SER A 18 5.39 3.14 -12.64
CA SER A 18 6.57 3.39 -13.45
C SER A 18 6.55 4.85 -13.84
N ASN A 19 7.72 5.48 -13.75
CA ASN A 19 7.93 6.85 -14.19
C ASN A 19 9.32 6.92 -14.81
N PRO A 20 9.46 6.70 -16.12
CA PRO A 20 10.81 6.75 -16.72
C PRO A 20 11.64 7.98 -16.38
N ASN A 21 11.01 9.13 -16.08
CA ASN A 21 11.74 10.33 -15.73
C ASN A 21 12.11 10.43 -14.25
N LYS A 22 11.65 9.50 -13.43
CA LYS A 22 11.99 9.51 -12.03
C LYS A 22 13.34 8.85 -11.83
N PRO A 23 14.23 9.45 -11.07
CA PRO A 23 15.53 8.80 -10.83
C PRO A 23 15.32 7.55 -9.99
N LYS A 24 16.05 6.48 -10.34
CA LYS A 24 15.85 5.20 -9.70
C LYS A 24 17.18 4.49 -9.55
N ARG A 25 17.21 3.54 -8.61
CA ARG A 25 18.40 2.77 -8.33
C ARG A 25 18.03 1.36 -7.94
N GLN A 26 18.98 0.46 -8.11
CA GLN A 26 18.94 -0.87 -7.51
C GLN A 26 19.96 -0.83 -6.37
N THR A 27 19.46 -0.88 -5.14
CA THR A 27 20.31 -0.96 -3.97
C THR A 27 20.07 -2.30 -3.29
N ASN A 28 21.06 -2.76 -2.53
CA ASN A 28 20.88 -3.98 -1.76
C ASN A 28 19.66 -3.89 -0.86
N GLN A 29 19.41 -2.71 -0.28
CA GLN A 29 18.27 -2.55 0.61
C GLN A 29 16.95 -2.69 -0.15
N LEU A 30 16.86 -2.10 -1.34
CA LEU A 30 15.64 -2.23 -2.12
C LEU A 30 15.45 -3.67 -2.60
N GLN A 31 16.52 -4.34 -3.02
CA GLN A 31 16.40 -5.75 -3.38
C GLN A 31 15.89 -6.57 -2.21
N TYR A 32 16.37 -6.24 -1.00
CA TYR A 32 15.93 -6.94 0.20
C TYR A 32 14.47 -6.63 0.52
N LEU A 33 14.07 -5.37 0.35
CA LEU A 33 12.68 -5.00 0.59
C LEU A 33 11.75 -5.81 -0.30
N LEU A 34 12.16 -6.06 -1.55
CA LEU A 34 11.32 -6.90 -2.42
C LEU A 34 11.42 -8.38 -2.05
N ARG A 35 12.65 -8.90 -1.95
CA ARG A 35 12.84 -10.34 -1.83
C ARG A 35 12.42 -10.86 -0.47
N VAL A 36 12.72 -10.11 0.59
CA VAL A 36 12.44 -10.54 1.95
C VAL A 36 11.19 -9.89 2.51
N VAL A 37 11.20 -8.56 2.63
CA VAL A 37 10.18 -7.85 3.40
C VAL A 37 8.81 -7.97 2.74
N LEU A 38 8.72 -7.54 1.48
CA LEU A 38 7.41 -7.58 0.82
C LEU A 38 6.95 -9.02 0.63
N LYS A 39 7.85 -9.92 0.24
CA LYS A 39 7.41 -11.26 -0.13
C LYS A 39 6.99 -12.09 1.08
N THR A 40 7.58 -11.84 2.26
CA THR A 40 7.05 -12.52 3.44
C THR A 40 5.74 -11.88 3.91
N LEU A 41 5.65 -10.55 3.89
CA LEU A 41 4.39 -9.89 4.20
C LEU A 41 3.28 -10.36 3.27
N TRP A 42 3.60 -10.55 1.98
CA TRP A 42 2.63 -10.97 0.99
C TRP A 42 2.02 -12.32 1.33
N LYS A 43 2.80 -13.20 1.95
CA LYS A 43 2.37 -14.55 2.28
C LYS A 43 1.60 -14.62 3.59
N HIS A 44 1.46 -13.49 4.29
CA HIS A 44 0.77 -13.49 5.57
C HIS A 44 -0.72 -13.71 5.38
N GLN A 45 -1.35 -14.31 6.40
CA GLN A 45 -2.79 -14.57 6.34
C GLN A 45 -3.60 -13.29 6.20
N PHE A 46 -3.08 -12.17 6.70
CA PHE A 46 -3.77 -10.89 6.71
C PHE A 46 -3.41 -9.99 5.53
N ALA A 47 -2.62 -10.48 4.58
CA ALA A 47 -2.12 -9.62 3.51
C ALA A 47 -3.20 -9.22 2.51
N TRP A 48 -4.23 -10.06 2.36
CA TRP A 48 -5.12 -9.91 1.21
C TRP A 48 -5.78 -8.54 1.06
N PRO A 49 -6.24 -7.84 2.11
CA PRO A 49 -6.84 -6.52 1.87
C PRO A 49 -5.85 -5.53 1.31
N PHE A 50 -4.56 -5.75 1.54
CA PHE A 50 -3.48 -4.84 1.20
C PHE A 50 -2.76 -5.20 -0.08
N GLN A 51 -3.18 -6.26 -0.78
CA GLN A 51 -2.45 -6.75 -1.96
C GLN A 51 -2.80 -6.00 -3.24
N GLN A 52 -3.60 -4.94 -3.18
CA GLN A 52 -4.08 -4.23 -4.36
C GLN A 52 -4.78 -2.98 -3.86
N PRO A 53 -4.92 -1.97 -4.72
CA PRO A 53 -5.57 -0.73 -4.30
C PRO A 53 -6.93 -1.02 -3.71
N VAL A 54 -7.32 -0.26 -2.69
CA VAL A 54 -8.65 -0.44 -2.13
C VAL A 54 -9.65 -0.25 -3.24
N ASP A 55 -10.52 -1.24 -3.43
CA ASP A 55 -11.52 -1.13 -4.47
C ASP A 55 -12.75 -0.68 -3.70
N ALA A 56 -13.02 0.62 -3.77
CA ALA A 56 -14.08 1.19 -2.96
C ALA A 56 -15.43 0.88 -3.55
N VAL A 57 -15.47 0.62 -4.86
CA VAL A 57 -16.70 0.19 -5.51
C VAL A 57 -17.12 -1.19 -5.02
N LYS A 58 -16.21 -2.16 -5.14
CA LYS A 58 -16.54 -3.53 -4.71
C LYS A 58 -16.87 -3.58 -3.23
N LEU A 59 -16.07 -2.93 -2.40
CA LEU A 59 -16.30 -3.00 -0.96
C LEU A 59 -17.49 -2.15 -0.52
N ASN A 60 -18.10 -1.40 -1.43
CA ASN A 60 -19.14 -0.43 -1.09
C ASN A 60 -18.65 0.49 0.04
N LEU A 61 -17.56 1.19 -0.27
CA LEU A 61 -16.96 2.19 0.61
C LEU A 61 -16.84 3.47 -0.20
N PRO A 62 -17.98 4.03 -0.63
CA PRO A 62 -17.93 5.23 -1.48
C PRO A 62 -17.27 6.43 -0.80
N ASP A 63 -17.11 6.39 0.53
CA ASP A 63 -16.45 7.46 1.26
C ASP A 63 -14.95 7.27 1.35
N TYR A 64 -14.41 6.13 0.92
CA TYR A 64 -12.99 5.84 1.16
C TYR A 64 -12.10 6.90 0.53
N TYR A 65 -12.30 7.17 -0.75
CA TYR A 65 -11.44 8.15 -1.42
C TYR A 65 -11.92 9.58 -1.20
N LYS A 66 -13.02 9.77 -0.48
CA LYS A 66 -13.28 11.08 0.10
C LYS A 66 -12.31 11.36 1.24
N ILE A 67 -12.06 10.35 2.07
CA ILE A 67 -11.20 10.47 3.24
C ILE A 67 -9.72 10.30 2.91
N ILE A 68 -9.38 9.29 2.11
CA ILE A 68 -7.98 8.91 1.90
C ILE A 68 -7.52 9.55 0.61
N LYS A 69 -6.62 10.54 0.71
CA LYS A 69 -6.15 11.24 -0.47
C LYS A 69 -4.79 10.79 -1.00
N THR A 70 -4.08 9.90 -0.31
CA THR A 70 -2.81 9.35 -0.76
CA THR A 70 -2.82 9.34 -0.79
C THR A 70 -2.88 7.83 -0.63
N PRO A 71 -3.62 7.15 -1.49
CA PRO A 71 -3.74 5.69 -1.37
C PRO A 71 -2.43 4.99 -1.64
N MET A 72 -2.22 3.89 -0.94
CA MET A 72 -1.09 3.01 -1.19
C MET A 72 -1.45 1.60 -0.74
N ASP A 73 -0.82 0.62 -1.36
CA ASP A 73 -1.12 -0.79 -1.14
C ASP A 73 0.11 -1.59 -1.55
N MET A 74 0.18 -2.85 -1.09
CA MET A 74 1.36 -3.67 -1.35
C MET A 74 1.47 -4.11 -2.80
N GLY A 75 0.35 -4.20 -3.51
CA GLY A 75 0.44 -4.49 -4.94
C GLY A 75 1.18 -3.39 -5.67
N THR A 76 0.83 -2.14 -5.36
CA THR A 76 1.54 -1.01 -5.94
C THR A 76 3.01 -1.01 -5.52
N ILE A 77 3.27 -1.27 -4.25
CA ILE A 77 4.65 -1.33 -3.77
C ILE A 77 5.42 -2.42 -4.50
N LYS A 78 4.82 -3.61 -4.63
CA LYS A 78 5.49 -4.72 -5.29
C LYS A 78 5.83 -4.38 -6.73
N LYS A 79 4.88 -3.76 -7.44
CA LYS A 79 5.15 -3.33 -8.80
C LYS A 79 6.26 -2.29 -8.85
N ARG A 80 6.21 -1.31 -7.95
CA ARG A 80 7.28 -0.31 -7.89
C ARG A 80 8.64 -0.97 -7.65
N LEU A 81 8.71 -1.91 -6.72
CA LEU A 81 9.98 -2.60 -6.48
C LEU A 81 10.42 -3.39 -7.70
N GLU A 82 9.50 -4.13 -8.31
CA GLU A 82 9.84 -4.92 -9.49
C GLU A 82 10.24 -4.03 -10.66
N ASN A 83 9.64 -2.85 -10.79
CA ASN A 83 9.93 -1.94 -11.88
C ASN A 83 11.16 -1.06 -11.61
N ASN A 84 11.80 -1.23 -10.44
CA ASN A 84 12.92 -0.38 -10.05
C ASN A 84 12.49 1.09 -10.00
N TYR A 85 11.36 1.34 -9.36
CA TYR A 85 10.80 2.69 -9.30
C TYR A 85 11.47 3.58 -8.28
N TYR A 86 12.09 3.00 -7.25
CA TYR A 86 12.55 3.73 -6.08
C TYR A 86 14.01 4.14 -6.19
N TRP A 87 14.33 5.30 -5.62
CA TRP A 87 15.72 5.71 -5.46
C TRP A 87 16.39 5.05 -4.25
N ASN A 88 15.64 4.87 -3.16
CA ASN A 88 16.24 4.31 -1.96
C ASN A 88 15.19 3.61 -1.12
N ALA A 89 15.68 2.82 -0.16
CA ALA A 89 14.80 2.06 0.72
C ALA A 89 13.81 2.95 1.44
N GLN A 90 14.23 4.16 1.82
CA GLN A 90 13.35 5.02 2.61
C GLN A 90 12.10 5.42 1.83
N GLU A 91 12.23 5.61 0.52
CA GLU A 91 11.07 5.91 -0.30
CA GLU A 91 11.06 5.90 -0.31
C GLU A 91 10.07 4.76 -0.27
N CYS A 92 10.56 3.52 -0.32
CA CYS A 92 9.68 2.36 -0.29
C CYS A 92 9.06 2.19 1.09
N ILE A 93 9.85 2.38 2.14
CA ILE A 93 9.32 2.32 3.50
C ILE A 93 8.22 3.34 3.71
N GLN A 94 8.40 4.54 3.16
CA GLN A 94 7.35 5.58 3.25
C GLN A 94 6.04 5.09 2.67
N ASP A 95 6.09 4.35 1.56
CA ASP A 95 4.86 3.82 0.97
C ASP A 95 4.20 2.80 1.90
N PHE A 96 5.00 1.93 2.53
CA PHE A 96 4.43 1.03 3.53
C PHE A 96 3.75 1.81 4.64
N ASN A 97 4.42 2.86 5.14
CA ASN A 97 3.85 3.63 6.24
C ASN A 97 2.56 4.30 5.82
N THR A 98 2.51 4.81 4.60
CA THR A 98 1.29 5.40 4.07
C THR A 98 0.16 4.37 4.01
N MET A 99 0.47 3.16 3.56
CA MET A 99 -0.55 2.12 3.50
C MET A 99 -1.13 1.82 4.88
N PHE A 100 -0.27 1.62 5.88
CA PHE A 100 -0.77 1.35 7.22
C PHE A 100 -1.54 2.54 7.78
N THR A 101 -0.97 3.73 7.64
CA THR A 101 -1.62 4.93 8.16
C THR A 101 -3.00 5.15 7.55
N ASN A 102 -3.13 4.97 6.23
CA ASN A 102 -4.44 5.11 5.60
C ASN A 102 -5.46 4.20 6.26
N CYS A 103 -5.06 2.97 6.55
CA CYS A 103 -5.96 2.01 7.17
C CYS A 103 -6.40 2.48 8.54
N TYR A 104 -5.44 2.97 9.35
CA TYR A 104 -5.78 3.47 10.67
C TYR A 104 -6.62 4.73 10.59
N ILE A 105 -6.40 5.56 9.58
CA ILE A 105 -7.20 6.77 9.43
C ILE A 105 -8.65 6.43 9.10
N TYR A 106 -8.85 5.58 8.10
CA TYR A 106 -10.19 5.33 7.61
C TYR A 106 -11.01 4.49 8.59
N ASN A 107 -10.36 3.58 9.29
CA ASN A 107 -11.01 2.65 10.20
C ASN A 107 -10.77 3.07 11.64
N LYS A 108 -11.22 2.26 12.58
CA LYS A 108 -11.16 2.56 14.00
C LYS A 108 -10.49 1.43 14.77
N PRO A 109 -9.87 1.72 15.91
CA PRO A 109 -9.26 0.66 16.72
C PRO A 109 -10.27 -0.44 17.03
N GLY A 110 -9.83 -1.68 16.87
CA GLY A 110 -10.66 -2.83 17.16
C GLY A 110 -11.35 -3.42 15.94
N ASP A 111 -11.43 -2.66 14.85
CA ASP A 111 -11.96 -3.20 13.61
C ASP A 111 -11.07 -4.33 13.12
N ASP A 112 -11.70 -5.35 12.52
CA ASP A 112 -10.94 -6.47 11.94
C ASP A 112 -9.82 -5.98 11.04
N ILE A 113 -10.12 -5.03 10.14
CA ILE A 113 -9.09 -4.58 9.20
C ILE A 113 -7.93 -3.91 9.92
N VAL A 114 -8.21 -3.24 11.04
CA VAL A 114 -7.16 -2.56 11.78
C VAL A 114 -6.30 -3.58 12.52
N LEU A 115 -6.92 -4.63 13.06
CA LEU A 115 -6.15 -5.71 13.65
CA LEU A 115 -6.14 -5.71 13.66
C LEU A 115 -5.24 -6.36 12.62
N MET A 116 -5.73 -6.49 11.39
CA MET A 116 -4.90 -7.04 10.33
C MET A 116 -3.73 -6.12 10.01
N ALA A 117 -3.99 -4.83 9.85
CA ALA A 117 -2.92 -3.88 9.60
C ALA A 117 -1.91 -3.85 10.74
N GLU A 118 -2.41 -3.88 11.98
CA GLU A 118 -1.50 -3.91 13.14
C GLU A 118 -0.57 -5.12 13.08
N ALA A 119 -1.12 -6.29 12.75
CA ALA A 119 -0.29 -7.50 12.69
C ALA A 119 0.74 -7.40 11.58
N LEU A 120 0.33 -6.93 10.39
CA LEU A 120 1.28 -6.78 9.30
C LEU A 120 2.34 -5.74 9.64
N GLU A 121 1.94 -4.64 10.29
CA GLU A 121 2.91 -3.61 10.61
C GLU A 121 3.92 -4.11 11.62
N LYS A 122 3.47 -4.90 12.59
CA LYS A 122 4.42 -5.52 13.53
C LYS A 122 5.44 -6.37 12.78
N LEU A 123 4.98 -7.23 11.87
CA LEU A 123 5.92 -8.04 11.09
C LEU A 123 6.81 -7.16 10.23
N PHE A 124 6.23 -6.11 9.63
CA PHE A 124 7.01 -5.21 8.79
C PHE A 124 8.15 -4.58 9.59
N LEU A 125 7.84 -4.05 10.78
CA LEU A 125 8.88 -3.40 11.58
C LEU A 125 9.94 -4.39 12.03
N GLN A 126 9.52 -5.62 12.35
CA GLN A 126 10.49 -6.66 12.66
C GLN A 126 11.42 -6.92 11.49
N LYS A 127 10.88 -6.94 10.27
CA LYS A 127 11.67 -7.27 9.08
C LYS A 127 12.61 -6.14 8.67
N ILE A 128 12.21 -4.88 8.84
CA ILE A 128 13.07 -3.78 8.41
C ILE A 128 13.99 -3.29 9.52
N ASN A 129 13.89 -3.87 10.73
CA ASN A 129 14.77 -3.46 11.82
C ASN A 129 16.23 -3.49 11.37
N GLU A 130 16.58 -4.47 10.55
CA GLU A 130 17.93 -4.59 10.01
C GLU A 130 17.81 -4.78 8.50
N LEU A 131 18.36 -3.86 7.74
CA LEU A 131 18.48 -4.03 6.30
C LEU A 131 19.92 -4.38 5.94
N PRO A 132 20.18 -4.70 4.66
CA PRO A 132 21.56 -4.87 4.22
C PRO A 132 22.32 -3.56 4.30
N THR A 133 23.65 -3.70 4.31
CA THR A 133 24.60 -2.57 4.42
C THR A 133 24.46 -1.86 5.76
#